data_1W2F
#
_entry.id   1W2F
#
_cell.length_a   69.304
_cell.length_b   95.798
_cell.length_c   180.352
_cell.angle_alpha   90.00
_cell.angle_beta   90.00
_cell.angle_gamma   90.00
#
_symmetry.space_group_name_H-M   'C 2 2 21'
#
loop_
_entity.id
_entity.type
_entity.pdbx_description
1 polymer 'INOSITOL-TRISPHOSPHATE 3-KINASE A'
2 non-polymer 'SULFATE ION'
3 water water
#
_entity_poly.entity_id   1
_entity_poly.type   'polypeptide(L)'
_entity_poly.pdbx_seq_one_letter_code
;(MSE)SWVQLAGHTGSFKAAGTSGLILKRCSEPERYCLARL(MSE)ADALRGCVPAFHGVVERDGESYLQLQDLLDGFDG
PCVLDCK(MSE)GVRTYLEEELTKARERPKLRKD(MSE)YKK(MSE)LAVDPEAPTEEEHAQRAVTKPRY(MSE)QWREG
ISSSTTLGFRIEGIKKADGSCSTDFKTTRSREQVLRVFEEFVQGDEEVLRRYLNRLQQIRDTLEVSEFFRRHEVIGSSLL
FVHDHCHRAGVWLIDFGKTTPLPDGQILDHRRPWEEGNREDGYLLGLDNLIGILASLAER
;
_entity_poly.pdbx_strand_id   A,B
#
# COMPACT_ATOMS: atom_id res chain seq x y z
N SER A 2 1.37 10.24 -5.95
CA SER A 2 0.94 10.75 -7.25
C SER A 2 0.38 9.58 -8.04
N TRP A 3 -0.38 9.84 -9.11
CA TRP A 3 -1.14 8.74 -9.74
C TRP A 3 -0.27 7.71 -10.42
N VAL A 4 0.89 8.14 -10.92
CA VAL A 4 1.88 7.22 -11.47
C VAL A 4 2.33 6.30 -10.33
N GLN A 5 2.67 6.91 -9.19
CA GLN A 5 3.01 6.19 -7.96
C GLN A 5 1.93 5.18 -7.61
N LEU A 6 0.67 5.56 -7.84
CA LEU A 6 -0.49 4.75 -7.51
C LEU A 6 -0.77 3.62 -8.50
N ALA A 7 -0.44 3.84 -9.77
CA ALA A 7 -0.50 2.78 -10.78
C ALA A 7 0.58 1.71 -10.51
N GLY A 8 1.38 1.94 -9.47
CA GLY A 8 2.27 0.93 -8.92
C GLY A 8 3.50 0.74 -9.78
N HIS A 9 4.09 1.85 -10.22
CA HIS A 9 5.10 1.79 -11.27
C HIS A 9 6.54 1.72 -10.78
N THR A 10 7.26 2.82 -10.91
CA THR A 10 8.72 2.76 -11.01
C THR A 10 9.46 3.12 -9.73
N GLY A 11 9.11 4.26 -9.13
CA GLY A 11 9.96 4.92 -8.15
C GLY A 11 10.72 6.06 -8.81
N SER A 12 10.42 6.27 -10.11
CA SER A 12 10.97 7.34 -10.95
C SER A 12 10.01 8.55 -11.04
N PHE A 13 8.70 8.27 -11.02
CA PHE A 13 7.67 9.31 -11.00
C PHE A 13 8.17 10.57 -10.28
N LYS A 14 7.83 11.74 -10.81
CA LYS A 14 8.25 12.99 -10.19
C LYS A 14 7.42 14.19 -10.65
N ALA A 15 7.35 15.22 -9.81
CA ALA A 15 6.72 16.47 -10.18
C ALA A 15 7.53 17.13 -11.28
N ALA A 16 6.84 17.73 -12.23
CA ALA A 16 7.46 18.59 -13.23
C ALA A 16 7.52 20.01 -12.67
N GLY A 17 8.10 20.94 -13.43
CA GLY A 17 8.12 22.35 -13.07
C GLY A 17 6.76 22.99 -13.22
N THR A 18 5.96 22.49 -14.17
CA THR A 18 4.63 23.03 -14.48
C THR A 18 3.56 22.41 -13.60
N SER A 19 2.76 23.25 -12.97
CA SER A 19 1.66 22.76 -12.13
C SER A 19 0.75 21.85 -12.95
N GLY A 20 0.14 20.89 -12.27
CA GLY A 20 -0.81 19.99 -12.89
C GLY A 20 -0.20 18.98 -13.84
N LEU A 21 1.12 18.84 -13.80
CA LEU A 21 1.81 17.83 -14.58
C LEU A 21 2.51 16.85 -13.67
N ILE A 22 2.91 15.74 -14.28
CA ILE A 22 3.42 14.60 -13.58
C ILE A 22 4.35 13.90 -14.56
N LEU A 23 5.55 13.58 -14.08
CA LEU A 23 6.53 12.94 -14.91
C LEU A 23 6.48 11.46 -14.63
N LYS A 24 6.36 10.69 -15.68
CA LYS A 24 6.42 9.26 -15.58
C LYS A 24 7.62 8.83 -16.35
N ARG A 25 8.41 7.94 -15.75
CA ARG A 25 9.53 7.33 -16.43
C ARG A 25 9.03 6.93 -17.81
N CYS A 26 9.69 7.46 -18.83
CA CYS A 26 9.32 7.17 -20.18
C CYS A 26 9.63 5.73 -20.53
N SER A 27 8.70 5.11 -21.21
CA SER A 27 8.87 3.81 -21.81
C SER A 27 8.41 4.00 -23.23
N GLU A 28 9.04 3.32 -24.15
CA GLU A 28 8.76 3.60 -25.54
C GLU A 28 7.32 3.23 -25.94
N PRO A 29 6.81 2.07 -25.51
CA PRO A 29 5.46 1.70 -25.90
C PRO A 29 4.53 2.75 -25.41
N GLU A 30 4.77 3.22 -24.20
CA GLU A 30 3.86 4.14 -23.62
C GLU A 30 3.95 5.48 -24.30
N ARG A 31 5.15 6.00 -24.56
CA ARG A 31 5.28 7.25 -25.28
C ARG A 31 4.59 7.19 -26.63
N TYR A 32 4.74 6.05 -27.30
CA TYR A 32 4.17 5.88 -28.61
C TYR A 32 2.64 5.93 -28.47
N CYS A 33 2.12 5.17 -27.53
CA CYS A 33 0.70 5.08 -27.32
C CYS A 33 0.15 6.41 -26.97
N LEU A 34 0.79 7.10 -26.04
CA LEU A 34 0.29 8.38 -25.60
C LEU A 34 0.26 9.36 -26.73
N ALA A 35 1.34 9.41 -27.49
CA ALA A 35 1.35 10.21 -28.69
C ALA A 35 0.16 9.91 -29.66
N ARG A 36 -0.09 8.65 -29.95
CA ARG A 36 -1.19 8.24 -30.77
C ARG A 36 -2.51 8.64 -30.10
N LEU A 37 -2.58 8.41 -28.80
CA LEU A 37 -3.80 8.63 -28.09
C LEU A 37 -4.15 10.10 -28.14
N ALA A 39 -3.97 11.96 -30.50
CA ALA A 39 -4.53 12.23 -31.83
C ALA A 39 -5.64 11.27 -32.13
N ASP A 40 -6.15 10.64 -31.10
CA ASP A 40 -7.13 9.62 -31.23
C ASP A 40 -8.40 10.06 -30.60
N ALA A 41 -9.47 9.33 -30.88
CA ALA A 41 -10.72 9.54 -30.26
C ALA A 41 -10.54 9.47 -28.77
N LEU A 42 -9.57 8.66 -28.33
CA LEU A 42 -9.37 8.40 -26.92
C LEU A 42 -8.56 9.48 -26.21
N ARG A 43 -8.19 10.54 -26.91
CA ARG A 43 -7.37 11.57 -26.33
C ARG A 43 -7.89 12.07 -25.02
N GLY A 44 -9.19 12.22 -24.93
CA GLY A 44 -9.83 12.67 -23.74
C GLY A 44 -9.90 11.64 -22.63
N CYS A 45 -9.67 10.38 -22.98
CA CYS A 45 -9.83 9.26 -22.09
C CYS A 45 -8.56 8.86 -21.44
N VAL A 46 -7.50 9.57 -21.76
CA VAL A 46 -6.19 9.23 -21.26
C VAL A 46 -5.58 10.49 -20.75
N PRO A 47 -4.59 10.42 -19.84
CA PRO A 47 -4.00 11.67 -19.37
C PRO A 47 -3.40 12.36 -20.57
N ALA A 48 -3.52 13.68 -20.58
CA ALA A 48 -2.91 14.50 -21.58
C ALA A 48 -1.48 14.18 -21.52
N PHE A 49 -0.93 14.08 -22.69
CA PHE A 49 0.44 13.82 -22.80
C PHE A 49 1.07 15.00 -23.49
N HIS A 50 2.06 15.57 -22.83
CA HIS A 50 2.66 16.81 -23.30
C HIS A 50 4.00 16.58 -23.93
N GLY A 51 4.35 15.32 -24.08
CA GLY A 51 5.59 14.92 -24.69
C GLY A 51 6.56 14.49 -23.63
N VAL A 52 7.81 14.42 -24.00
CA VAL A 52 8.81 13.86 -23.15
C VAL A 52 9.75 15.00 -22.81
N VAL A 53 10.27 14.94 -21.59
CA VAL A 53 11.29 15.85 -21.12
C VAL A 53 12.40 15.03 -20.52
N GLU A 54 13.59 15.60 -20.50
CA GLU A 54 14.72 14.99 -19.81
C GLU A 54 14.90 15.72 -18.49
N ARG A 55 15.04 14.95 -17.41
CA ARG A 55 15.57 15.44 -16.14
C ARG A 55 16.51 14.35 -15.63
N ASP A 56 17.73 14.72 -15.26
CA ASP A 56 18.71 13.74 -14.73
C ASP A 56 19.02 12.60 -15.72
N GLY A 57 19.22 12.94 -16.99
CA GLY A 57 19.57 11.96 -18.01
C GLY A 57 18.55 10.84 -18.24
N GLU A 58 17.35 11.02 -17.68
CA GLU A 58 16.28 10.06 -17.85
C GLU A 58 15.11 10.78 -18.51
N SER A 59 14.39 10.05 -19.35
CA SER A 59 13.28 10.63 -20.07
C SER A 59 11.98 10.39 -19.33
N TYR A 60 11.18 11.44 -19.25
CA TYR A 60 9.88 11.34 -18.63
C TYR A 60 8.80 11.80 -19.56
N LEU A 61 7.73 11.06 -19.54
CA LEU A 61 6.47 11.42 -20.14
C LEU A 61 5.96 12.55 -19.28
N GLN A 62 5.63 13.67 -19.90
CA GLN A 62 5.00 14.76 -19.18
C GLN A 62 3.53 14.48 -19.29
N LEU A 63 2.94 13.99 -18.22
CA LEU A 63 1.56 13.64 -18.23
C LEU A 63 0.78 14.59 -17.40
N GLN A 64 -0.46 14.77 -17.79
CA GLN A 64 -1.40 15.39 -16.96
C GLN A 64 -1.34 14.68 -15.64
N ASP A 65 -1.24 15.44 -14.59
CA ASP A 65 -1.46 14.87 -13.30
C ASP A 65 -2.96 14.74 -13.15
N LEU A 66 -3.43 13.51 -13.33
CA LEU A 66 -4.82 13.15 -13.24
C LEU A 66 -5.37 13.44 -11.89
N LEU A 67 -4.51 13.46 -10.88
CA LEU A 67 -4.99 13.72 -9.54
C LEU A 67 -5.13 15.23 -9.26
N ASP A 68 -4.55 16.05 -10.12
CA ASP A 68 -4.36 17.45 -9.81
C ASP A 68 -5.65 18.22 -9.57
N GLY A 69 -6.68 17.91 -10.34
CA GLY A 69 -7.96 18.56 -10.17
C GLY A 69 -8.78 18.05 -9.01
N PHE A 70 -8.28 17.04 -8.32
CA PHE A 70 -9.05 16.40 -7.30
C PHE A 70 -8.59 16.84 -5.93
N ASP A 71 -9.52 16.85 -5.03
CA ASP A 71 -9.25 17.34 -3.70
C ASP A 71 -9.31 16.12 -2.83
N GLY A 72 -8.16 15.54 -2.55
CA GLY A 72 -8.08 14.31 -1.78
C GLY A 72 -8.54 13.10 -2.60
N PRO A 73 -7.81 12.78 -3.64
CA PRO A 73 -8.28 11.76 -4.57
C PRO A 73 -8.32 10.38 -3.96
N CYS A 74 -9.38 9.67 -4.28
CA CYS A 74 -9.47 8.24 -4.14
C CYS A 74 -9.20 7.74 -5.48
N VAL A 75 -8.36 6.75 -5.53
CA VAL A 75 -7.90 6.29 -6.80
C VAL A 75 -8.03 4.81 -6.79
N LEU A 76 -8.52 4.26 -7.87
CA LEU A 76 -8.61 2.86 -7.98
C LEU A 76 -8.02 2.57 -9.31
N ASP A 77 -7.11 1.62 -9.32
CA ASP A 77 -6.41 1.29 -10.50
C ASP A 77 -7.00 -0.07 -10.87
N CYS A 78 -7.56 -0.12 -12.06
CA CYS A 78 -8.25 -1.27 -12.52
C CYS A 78 -7.54 -1.77 -13.73
N LYS A 79 -6.80 -2.86 -13.60
CA LYS A 79 -6.11 -3.39 -14.73
C LYS A 79 -7.06 -4.09 -15.66
N GLY A 81 -8.20 -6.18 -18.88
CA GLY A 81 -7.92 -7.19 -19.85
C GLY A 81 -8.03 -8.53 -19.17
N VAL A 82 -8.36 -9.53 -19.96
CA VAL A 82 -8.39 -10.88 -19.48
C VAL A 82 -6.97 -11.37 -19.37
N ARG A 83 -6.07 -10.67 -20.05
CA ARG A 83 -4.71 -11.06 -20.09
C ARG A 83 -3.92 -9.82 -19.76
N THR A 84 -2.84 -10.03 -19.01
CA THR A 84 -2.08 -8.98 -18.39
C THR A 84 -0.62 -9.03 -18.74
N TYR A 85 -0.31 -9.85 -19.72
CA TYR A 85 1.04 -9.94 -20.23
C TYR A 85 0.86 -10.04 -21.74
N LEU A 86 1.85 -9.60 -22.45
CA LEU A 86 1.82 -9.66 -23.89
C LEU A 86 2.01 -11.08 -24.30
N GLU A 87 1.45 -11.43 -25.44
CA GLU A 87 1.73 -12.75 -25.98
C GLU A 87 3.19 -12.92 -26.21
N GLU A 88 3.85 -11.83 -26.59
CA GLU A 88 5.29 -11.87 -26.78
C GLU A 88 6.03 -12.17 -25.47
N GLU A 89 5.49 -11.78 -24.33
CA GLU A 89 6.13 -12.10 -23.08
C GLU A 89 5.90 -13.56 -22.78
N LEU A 90 4.73 -14.09 -23.16
CA LEU A 90 4.45 -15.48 -22.95
C LEU A 90 5.39 -16.30 -23.81
N THR A 91 5.58 -15.84 -25.04
CA THR A 91 6.47 -16.50 -25.96
C THR A 91 7.87 -16.49 -25.38
N LYS A 92 8.34 -15.33 -24.97
CA LYS A 92 9.64 -15.18 -24.35
C LYS A 92 9.79 -16.04 -23.09
N ALA A 93 8.71 -16.21 -22.34
CA ALA A 93 8.77 -17.02 -21.12
C ALA A 93 9.02 -18.49 -21.43
N ARG A 94 8.56 -18.94 -22.58
CA ARG A 94 8.68 -20.35 -23.01
C ARG A 94 10.06 -20.58 -23.59
N GLU A 95 10.39 -19.72 -24.56
CA GLU A 95 11.69 -19.61 -25.19
C GLU A 95 12.80 -19.43 -24.15
N ARG A 96 12.68 -18.38 -23.35
CA ARG A 96 13.76 -17.94 -22.48
C ARG A 96 13.18 -17.41 -21.17
N PRO A 97 12.70 -18.30 -20.31
CA PRO A 97 12.12 -17.90 -19.03
C PRO A 97 13.09 -17.13 -18.20
N LYS A 98 12.64 -15.98 -17.71
CA LYS A 98 13.30 -15.34 -16.60
C LYS A 98 12.53 -15.78 -15.39
N LEU A 99 13.12 -16.72 -14.67
CA LEU A 99 12.50 -17.26 -13.49
C LEU A 99 12.55 -16.24 -12.38
N ARG A 100 11.39 -16.02 -11.79
CA ARG A 100 11.18 -15.03 -10.75
C ARG A 100 10.90 -15.78 -9.46
N LYS A 101 11.85 -15.69 -8.55
CA LYS A 101 11.72 -16.30 -7.23
C LYS A 101 10.68 -15.58 -6.42
N ASP A 102 10.74 -14.26 -6.43
CA ASP A 102 9.74 -13.46 -5.73
C ASP A 102 8.33 -13.87 -6.14
N TYR A 104 7.32 -16.69 -7.43
CA TYR A 104 7.03 -18.01 -6.95
C TYR A 104 6.60 -17.93 -5.52
N LYS A 105 7.36 -17.17 -4.74
CA LYS A 105 7.15 -17.15 -3.32
C LYS A 105 5.80 -16.53 -3.05
N LYS A 106 5.39 -15.59 -3.89
CA LYS A 106 4.07 -14.98 -3.78
C LYS A 106 2.98 -15.98 -4.10
N LEU A 108 3.40 -19.24 -3.78
CA LEU A 108 3.55 -20.31 -2.79
C LEU A 108 2.91 -19.95 -1.46
N ALA A 109 3.00 -18.68 -1.10
CA ALA A 109 2.37 -18.18 0.12
C ALA A 109 0.86 -18.13 -0.06
N VAL A 110 0.41 -17.69 -1.23
CA VAL A 110 -1.02 -17.58 -1.51
C VAL A 110 -1.70 -18.93 -1.74
N ASP A 111 -1.15 -19.70 -2.67
CA ASP A 111 -1.67 -21.01 -2.97
C ASP A 111 -0.48 -21.92 -3.19
N PRO A 112 -0.07 -22.60 -2.13
CA PRO A 112 1.05 -23.53 -2.18
C PRO A 112 0.88 -24.62 -3.21
N GLU A 113 -0.34 -24.97 -3.60
CA GLU A 113 -0.54 -25.99 -4.64
C GLU A 113 -0.52 -25.41 -6.05
N ALA A 114 -0.50 -24.09 -6.18
CA ALA A 114 -0.56 -23.46 -7.48
C ALA A 114 0.68 -23.71 -8.31
N PRO A 115 1.89 -23.55 -7.74
CA PRO A 115 3.07 -23.85 -8.52
C PRO A 115 3.08 -25.32 -8.81
N THR A 116 3.54 -25.65 -9.99
CA THR A 116 3.72 -27.04 -10.37
C THR A 116 4.85 -27.61 -9.57
N GLU A 117 5.05 -28.91 -9.64
CA GLU A 117 6.13 -29.48 -8.90
C GLU A 117 7.44 -28.92 -9.41
N GLU A 118 7.50 -28.56 -10.67
CA GLU A 118 8.70 -27.99 -11.28
C GLU A 118 8.92 -26.59 -10.78
N GLU A 119 7.84 -25.84 -10.63
CA GLU A 119 7.98 -24.49 -10.15
C GLU A 119 8.44 -24.55 -8.71
N HIS A 120 7.92 -25.50 -7.95
CA HIS A 120 8.33 -25.73 -6.57
C HIS A 120 9.81 -26.04 -6.51
N ALA A 121 10.28 -26.85 -7.45
CA ALA A 121 11.69 -27.19 -7.50
C ALA A 121 12.53 -25.96 -7.85
N GLN A 122 12.02 -25.14 -8.76
CA GLN A 122 12.75 -23.93 -9.16
C GLN A 122 12.65 -22.86 -8.08
N ARG A 123 11.66 -22.97 -7.21
CA ARG A 123 11.29 -21.88 -6.33
C ARG A 123 11.14 -20.61 -7.16
N ALA A 124 10.64 -20.76 -8.39
CA ALA A 124 10.58 -19.63 -9.28
C ALA A 124 9.59 -19.92 -10.37
N VAL A 125 8.91 -18.89 -10.81
CA VAL A 125 8.01 -19.05 -11.93
C VAL A 125 8.33 -17.95 -12.90
N THR A 126 7.82 -18.08 -14.11
CA THR A 126 7.98 -17.02 -15.09
C THR A 126 6.93 -15.99 -14.77
N LYS A 127 7.19 -14.76 -15.17
CA LYS A 127 6.26 -13.70 -14.96
C LYS A 127 4.93 -13.99 -15.61
N PRO A 128 4.90 -14.39 -16.88
CA PRO A 128 3.63 -14.74 -17.51
C PRO A 128 2.87 -15.82 -16.80
N ARG A 129 3.55 -16.79 -16.22
CA ARG A 129 2.87 -17.83 -15.52
C ARG A 129 2.33 -17.20 -14.26
N TYR A 130 3.12 -16.35 -13.64
CA TYR A 130 2.66 -15.67 -12.46
C TYR A 130 1.48 -14.82 -12.82
N GLN A 132 -0.66 -15.16 -15.42
CA GLN A 132 -1.80 -16.00 -15.68
C GLN A 132 -2.44 -16.49 -14.43
N TRP A 133 -1.62 -16.91 -13.46
CA TRP A 133 -2.14 -17.34 -12.19
C TRP A 133 -2.82 -16.16 -11.55
N ARG A 134 -2.21 -14.99 -11.64
CA ARG A 134 -2.78 -13.80 -11.07
C ARG A 134 -4.12 -13.49 -11.69
N GLU A 135 -4.23 -13.72 -12.97
CA GLU A 135 -5.45 -13.52 -13.69
C GLU A 135 -6.54 -14.46 -13.25
N GLY A 136 -6.20 -15.69 -12.90
CA GLY A 136 -7.18 -16.69 -12.56
C GLY A 136 -7.66 -16.56 -11.15
N ILE A 137 -6.81 -16.06 -10.26
CA ILE A 137 -7.20 -15.92 -8.87
C ILE A 137 -7.83 -14.55 -8.63
N SER A 138 -7.63 -13.65 -9.58
CA SER A 138 -8.30 -12.38 -9.58
C SER A 138 -9.41 -12.48 -10.61
N SER A 139 -10.01 -11.35 -10.93
CA SER A 139 -11.13 -11.36 -11.82
C SER A 139 -10.72 -11.24 -13.26
N SER A 140 -9.43 -11.10 -13.51
CA SER A 140 -8.99 -10.81 -14.86
C SER A 140 -9.51 -11.83 -15.86
N THR A 141 -9.32 -13.10 -15.57
CA THR A 141 -9.69 -14.11 -16.53
C THR A 141 -11.17 -14.10 -16.85
N THR A 142 -11.95 -14.08 -15.80
CA THR A 142 -13.36 -14.29 -15.92
C THR A 142 -14.06 -13.01 -16.30
N LEU A 143 -13.57 -11.89 -15.81
CA LEU A 143 -14.28 -10.64 -15.99
C LEU A 143 -13.58 -9.70 -16.88
N GLY A 144 -12.27 -9.87 -17.04
CA GLY A 144 -11.51 -9.11 -18.01
C GLY A 144 -10.98 -7.84 -17.43
N PHE A 145 -10.98 -7.78 -16.12
CA PHE A 145 -10.26 -6.72 -15.46
C PHE A 145 -10.02 -7.15 -14.05
N ARG A 146 -9.18 -6.40 -13.38
CA ARG A 146 -9.07 -6.61 -11.98
C ARG A 146 -8.65 -5.39 -11.29
N ILE A 147 -9.03 -5.32 -10.04
CA ILE A 147 -8.59 -4.21 -9.22
C ILE A 147 -7.16 -4.48 -8.82
N GLU A 148 -6.33 -3.48 -9.00
CA GLU A 148 -4.95 -3.57 -8.62
C GLU A 148 -4.70 -2.92 -7.30
N GLY A 149 -5.35 -1.81 -7.09
CA GLY A 149 -4.90 -0.94 -6.06
C GLY A 149 -5.87 0.14 -5.83
N ILE A 150 -5.88 0.59 -4.60
CA ILE A 150 -6.70 1.72 -4.28
C ILE A 150 -5.86 2.63 -3.45
N LYS A 151 -5.97 3.91 -3.72
CA LYS A 151 -5.51 4.90 -2.80
C LYS A 151 -6.74 5.62 -2.31
N LYS A 152 -6.83 5.79 -1.02
CA LYS A 152 -7.96 6.48 -0.48
C LYS A 152 -7.56 7.88 -0.17
N ALA A 153 -8.53 8.75 -0.07
CA ALA A 153 -8.28 10.14 0.26
C ALA A 153 -7.59 10.23 1.62
N ASP A 154 -7.76 9.21 2.45
CA ASP A 154 -7.13 9.22 3.78
C ASP A 154 -5.62 8.91 3.74
N GLY A 155 -5.07 8.74 2.55
CA GLY A 155 -3.64 8.51 2.39
C GLY A 155 -3.37 7.03 2.30
N SER A 156 -4.34 6.20 2.66
CA SER A 156 -4.10 4.78 2.70
C SER A 156 -4.07 4.26 1.28
N CYS A 157 -3.38 3.15 1.15
CA CYS A 157 -3.23 2.54 -0.12
C CYS A 157 -3.39 1.11 0.15
N SER A 158 -3.94 0.43 -0.82
CA SER A 158 -4.00 -1.00 -0.76
C SER A 158 -3.84 -1.59 -2.11
N THR A 159 -3.07 -2.66 -2.18
CA THR A 159 -3.04 -3.45 -3.36
C THR A 159 -3.54 -4.83 -3.05
N ASP A 160 -4.23 -4.97 -1.94
CA ASP A 160 -4.58 -6.28 -1.49
C ASP A 160 -5.84 -6.76 -2.16
N PHE A 161 -5.75 -7.00 -3.46
CA PHE A 161 -6.89 -7.40 -4.26
C PHE A 161 -6.59 -8.60 -5.10
N LYS A 162 -5.52 -9.29 -4.75
CA LYS A 162 -4.98 -10.31 -5.63
C LYS A 162 -5.95 -11.43 -5.87
N THR A 163 -6.80 -11.70 -4.89
CA THR A 163 -7.73 -12.78 -5.05
C THR A 163 -9.13 -12.27 -5.13
N THR A 164 -9.25 -11.00 -5.48
CA THR A 164 -10.54 -10.40 -5.78
C THR A 164 -10.94 -10.85 -7.14
N ARG A 165 -11.92 -11.73 -7.19
CA ARG A 165 -12.19 -12.46 -8.41
C ARG A 165 -13.62 -12.47 -8.83
N SER A 166 -14.52 -12.74 -7.89
CA SER A 166 -15.89 -12.85 -8.25
C SER A 166 -16.42 -11.47 -8.59
N ARG A 167 -17.48 -11.47 -9.34
CA ARG A 167 -18.10 -10.26 -9.74
C ARG A 167 -18.50 -9.52 -8.47
N GLU A 168 -19.01 -10.23 -7.48
CA GLU A 168 -19.40 -9.58 -6.24
C GLU A 168 -18.23 -9.03 -5.47
N GLN A 169 -17.11 -9.76 -5.42
CA GLN A 169 -15.95 -9.27 -4.71
C GLN A 169 -15.50 -7.99 -5.34
N VAL A 170 -15.52 -7.97 -6.66
CA VAL A 170 -15.12 -6.77 -7.37
C VAL A 170 -16.11 -5.67 -7.06
N LEU A 171 -17.39 -6.01 -7.15
CA LEU A 171 -18.43 -5.08 -6.86
C LEU A 171 -18.15 -4.50 -5.48
N ARG A 172 -17.77 -5.35 -4.55
CA ARG A 172 -17.60 -4.93 -3.19
C ARG A 172 -16.41 -4.02 -3.04
N VAL A 173 -15.39 -4.26 -3.83
CA VAL A 173 -14.28 -3.38 -3.80
C VAL A 173 -14.71 -2.01 -4.30
N PHE A 174 -15.48 -1.98 -5.37
CA PHE A 174 -15.89 -0.72 -5.93
C PHE A 174 -16.82 -0.01 -5.02
N GLU A 175 -17.67 -0.78 -4.40
CA GLU A 175 -18.63 -0.27 -3.47
C GLU A 175 -17.87 0.42 -2.36
N GLU A 176 -16.85 -0.23 -1.84
CA GLU A 176 -16.06 0.34 -0.75
C GLU A 176 -15.30 1.54 -1.27
N PHE A 177 -14.89 1.46 -2.52
CA PHE A 177 -14.13 2.53 -3.11
C PHE A 177 -14.89 3.81 -3.26
N VAL A 178 -16.11 3.70 -3.73
CA VAL A 178 -16.91 4.87 -3.99
C VAL A 178 -17.61 5.32 -2.75
N GLN A 179 -17.63 4.47 -1.74
CA GLN A 179 -18.11 4.87 -0.41
C GLN A 179 -19.49 5.54 -0.51
N GLY A 180 -20.39 4.89 -1.27
CA GLY A 180 -21.77 5.32 -1.39
C GLY A 180 -21.97 6.61 -2.16
N ASP A 181 -20.92 7.13 -2.76
CA ASP A 181 -21.03 8.39 -3.48
C ASP A 181 -21.68 8.08 -4.82
N GLU A 182 -22.98 8.33 -4.89
CA GLU A 182 -23.74 7.92 -6.07
C GLU A 182 -23.34 8.75 -7.24
N GLU A 183 -22.97 9.99 -6.99
CA GLU A 183 -22.62 10.90 -8.05
C GLU A 183 -21.32 10.42 -8.70
N VAL A 184 -20.37 10.09 -7.86
CA VAL A 184 -19.11 9.57 -8.32
C VAL A 184 -19.37 8.35 -9.13
N LEU A 185 -20.20 7.44 -8.63
CA LEU A 185 -20.46 6.24 -9.31
C LEU A 185 -21.14 6.49 -10.60
N ARG A 186 -22.08 7.42 -10.61
CA ARG A 186 -22.76 7.74 -11.83
C ARG A 186 -21.76 8.33 -12.80
N ARG A 187 -20.92 9.21 -12.32
CA ARG A 187 -19.94 9.83 -13.17
C ARG A 187 -19.01 8.80 -13.71
N TYR A 188 -18.62 7.87 -12.86
CA TYR A 188 -17.79 6.81 -13.30
C TYR A 188 -18.47 6.04 -14.38
N LEU A 189 -19.71 5.71 -14.17
CA LEU A 189 -20.40 4.94 -15.16
C LEU A 189 -20.54 5.71 -16.44
N ASN A 190 -20.82 6.99 -16.35
CA ASN A 190 -20.98 7.81 -17.55
C ASN A 190 -19.69 7.87 -18.25
N ARG A 191 -18.65 8.01 -17.48
CA ARG A 191 -17.36 8.11 -18.05
C ARG A 191 -17.00 6.81 -18.71
N LEU A 192 -17.31 5.68 -18.07
CA LEU A 192 -16.96 4.42 -18.62
C LEU A 192 -17.76 4.18 -19.86
N GLN A 193 -19.00 4.62 -19.88
CA GLN A 193 -19.85 4.37 -21.00
C GLN A 193 -19.27 5.11 -22.15
N GLN A 194 -18.85 6.33 -21.85
CA GLN A 194 -18.29 7.22 -22.83
C GLN A 194 -16.97 6.67 -23.29
N ILE A 195 -16.17 6.17 -22.36
CA ILE A 195 -14.90 5.58 -22.68
C ILE A 195 -15.21 4.40 -23.57
N ARG A 196 -16.17 3.56 -23.23
CA ARG A 196 -16.47 2.41 -24.06
C ARG A 196 -16.83 2.83 -25.45
N ASP A 197 -17.71 3.79 -25.58
CA ASP A 197 -18.07 4.30 -26.87
C ASP A 197 -16.89 4.78 -27.65
N THR A 198 -15.96 5.40 -26.94
CA THR A 198 -14.80 5.96 -27.57
C THR A 198 -13.89 4.88 -27.94
N LEU A 199 -13.79 3.89 -27.07
CA LEU A 199 -12.97 2.75 -27.35
C LEU A 199 -13.48 2.09 -28.58
N GLU A 200 -14.81 2.02 -28.71
CA GLU A 200 -15.38 1.21 -29.74
C GLU A 200 -15.24 1.88 -31.09
N VAL A 201 -14.87 3.13 -31.11
CA VAL A 201 -14.63 3.81 -32.37
C VAL A 201 -13.19 4.18 -32.52
N SER A 202 -12.45 4.05 -31.45
CA SER A 202 -11.09 4.51 -31.46
C SER A 202 -10.32 3.74 -32.48
N GLU A 203 -9.68 4.48 -33.36
CA GLU A 203 -8.77 3.88 -34.32
C GLU A 203 -7.64 3.25 -33.57
N PHE A 204 -7.15 3.94 -32.56
CA PHE A 204 -6.06 3.40 -31.81
C PHE A 204 -6.47 2.08 -31.20
N PHE A 205 -7.64 2.06 -30.58
CA PHE A 205 -8.03 0.92 -29.82
C PHE A 205 -8.22 -0.28 -30.70
N ARG A 206 -8.76 -0.08 -31.87
CA ARG A 206 -9.04 -1.24 -32.70
C ARG A 206 -7.75 -1.83 -33.20
N ARG A 207 -6.70 -1.00 -33.28
CA ARG A 207 -5.39 -1.38 -33.79
C ARG A 207 -4.38 -1.79 -32.74
N HIS A 208 -4.77 -1.82 -31.48
CA HIS A 208 -3.79 -2.10 -30.47
C HIS A 208 -4.28 -3.12 -29.52
N GLU A 209 -3.34 -3.93 -29.10
CA GLU A 209 -3.54 -4.84 -28.03
C GLU A 209 -3.22 -4.05 -26.80
N VAL A 210 -4.21 -3.92 -25.98
CA VAL A 210 -4.13 -3.12 -24.81
C VAL A 210 -4.05 -4.03 -23.63
N ILE A 211 -2.82 -4.25 -23.22
CA ILE A 211 -2.53 -5.14 -22.16
C ILE A 211 -1.86 -4.33 -21.10
N GLY A 212 -2.20 -4.64 -19.89
CA GLY A 212 -1.56 -4.08 -18.73
C GLY A 212 -1.96 -2.68 -18.45
N SER A 213 -2.92 -2.15 -19.22
CA SER A 213 -3.34 -0.82 -19.00
C SER A 213 -4.38 -0.90 -17.93
N SER A 214 -4.65 0.27 -17.40
CA SER A 214 -5.58 0.34 -16.34
C SER A 214 -6.56 1.42 -16.69
N LEU A 215 -7.71 1.29 -16.09
CA LEU A 215 -8.61 2.39 -15.91
C LEU A 215 -8.30 2.89 -14.55
N LEU A 216 -7.97 4.16 -14.47
CA LEU A 216 -7.70 4.80 -13.24
C LEU A 216 -8.92 5.56 -12.95
N PHE A 217 -9.57 5.17 -11.88
CA PHE A 217 -10.75 5.80 -11.43
C PHE A 217 -10.24 6.77 -10.37
N VAL A 218 -10.61 8.00 -10.51
CA VAL A 218 -10.23 8.95 -9.53
C VAL A 218 -11.48 9.64 -9.12
N HIS A 219 -11.66 9.80 -7.85
CA HIS A 219 -12.68 10.65 -7.44
C HIS A 219 -12.28 11.33 -6.20
N ASP A 220 -13.03 12.34 -5.88
CA ASP A 220 -12.82 12.90 -4.60
C ASP A 220 -14.12 13.14 -3.88
N HIS A 221 -13.97 13.66 -2.69
CA HIS A 221 -15.08 13.86 -1.80
C HIS A 221 -15.98 14.97 -2.37
N CYS A 222 -15.46 15.80 -3.29
CA CYS A 222 -16.28 16.80 -4.02
C CYS A 222 -17.06 16.19 -5.17
N HIS A 223 -16.94 14.87 -5.28
CA HIS A 223 -17.64 14.05 -6.23
C HIS A 223 -17.11 14.16 -7.62
N ARG A 224 -15.97 14.81 -7.76
CA ARG A 224 -15.29 14.80 -9.03
C ARG A 224 -14.99 13.36 -9.29
N ALA A 225 -15.20 12.91 -10.48
CA ALA A 225 -14.83 11.59 -10.77
C ALA A 225 -14.29 11.65 -12.14
N GLY A 226 -13.23 10.92 -12.33
CA GLY A 226 -12.70 10.75 -13.65
C GLY A 226 -12.26 9.34 -13.78
N VAL A 227 -12.18 8.92 -14.99
CA VAL A 227 -11.60 7.66 -15.30
C VAL A 227 -10.77 7.96 -16.48
N TRP A 228 -9.59 7.43 -16.42
CA TRP A 228 -8.73 7.52 -17.53
C TRP A 228 -8.09 6.20 -17.71
N LEU A 229 -7.87 5.91 -18.95
CA LEU A 229 -7.01 4.86 -19.32
C LEU A 229 -5.61 5.34 -19.08
N ILE A 230 -4.84 4.48 -18.44
CA ILE A 230 -3.47 4.82 -18.20
C ILE A 230 -2.69 3.57 -18.40
N ASP A 231 -1.40 3.78 -18.44
CA ASP A 231 -0.39 2.74 -18.43
C ASP A 231 -0.45 1.94 -19.65
N PHE A 232 0.17 2.51 -20.66
CA PHE A 232 0.17 1.93 -21.97
C PHE A 232 1.48 1.32 -22.26
N GLY A 233 2.20 0.99 -21.19
CA GLY A 233 3.50 0.35 -21.33
C GLY A 233 3.51 -0.99 -22.03
N LYS A 234 2.36 -1.65 -22.09
CA LYS A 234 2.25 -2.91 -22.78
C LYS A 234 1.16 -2.90 -23.80
N THR A 235 0.81 -1.71 -24.27
CA THR A 235 -0.14 -1.57 -25.31
C THR A 235 0.62 -1.45 -26.58
N THR A 236 0.35 -2.37 -27.46
CA THR A 236 1.16 -2.50 -28.63
C THR A 236 0.29 -2.71 -29.84
N PRO A 237 0.70 -2.16 -30.98
CA PRO A 237 -0.12 -2.25 -32.18
C PRO A 237 -0.17 -3.67 -32.67
N LEU A 238 -1.32 -4.02 -33.18
CA LEU A 238 -1.51 -5.20 -33.96
C LEU A 238 -0.80 -5.01 -35.30
N PRO A 239 -0.38 -6.12 -35.90
CA PRO A 239 0.14 -6.14 -37.28
C PRO A 239 -0.77 -5.43 -38.26
N ASP A 240 -0.21 -4.93 -39.37
CA ASP A 240 -0.90 -3.96 -40.24
C ASP A 240 -2.33 -4.35 -40.47
N GLY A 241 -3.23 -3.41 -40.20
CA GLY A 241 -4.64 -3.59 -40.48
C GLY A 241 -5.38 -4.50 -39.51
N GLN A 242 -4.68 -5.48 -38.94
CA GLN A 242 -5.30 -6.45 -38.05
C GLN A 242 -5.93 -5.68 -36.88
N ILE A 243 -7.13 -6.08 -36.51
CA ILE A 243 -7.82 -5.43 -35.43
C ILE A 243 -8.24 -6.46 -34.38
N LEU A 244 -8.49 -5.95 -33.19
CA LEU A 244 -9.08 -6.74 -32.14
C LEU A 244 -10.46 -6.17 -31.92
N ASP A 245 -11.41 -7.05 -31.64
CA ASP A 245 -12.70 -6.59 -31.15
C ASP A 245 -12.67 -6.43 -29.63
N HIS A 246 -11.62 -6.94 -28.98
CA HIS A 246 -11.38 -6.67 -27.55
C HIS A 246 -12.44 -7.28 -26.65
N ARG A 247 -13.21 -8.21 -27.17
CA ARG A 247 -14.22 -8.91 -26.40
C ARG A 247 -14.02 -10.40 -26.43
N ARG A 248 -13.64 -10.90 -27.59
CA ARG A 248 -13.57 -12.33 -27.76
C ARG A 248 -12.44 -12.90 -26.88
N PRO A 249 -12.56 -14.17 -26.49
CA PRO A 249 -11.62 -14.73 -25.53
C PRO A 249 -10.22 -14.71 -26.11
N TRP A 250 -9.30 -14.55 -25.23
CA TRP A 250 -7.95 -14.62 -25.64
C TRP A 250 -7.60 -16.09 -25.88
N GLU A 251 -7.08 -16.35 -27.07
CA GLU A 251 -6.57 -17.65 -27.46
C GLU A 251 -5.23 -17.32 -28.07
N GLU A 252 -4.21 -17.77 -27.40
CA GLU A 252 -2.88 -17.46 -27.86
C GLU A 252 -2.82 -17.40 -29.36
N GLY A 253 -2.32 -16.28 -29.86
CA GLY A 253 -2.30 -16.05 -31.28
C GLY A 253 -3.19 -14.88 -31.66
N ASN A 254 -4.36 -14.74 -31.04
CA ASN A 254 -5.32 -13.73 -31.50
C ASN A 254 -5.10 -12.37 -30.83
N ARG A 255 -4.18 -12.31 -29.89
CA ARG A 255 -3.77 -11.08 -29.24
C ARG A 255 -4.93 -10.38 -28.57
N GLU A 256 -5.99 -11.11 -28.33
CA GLU A 256 -7.18 -10.50 -27.80
C GLU A 256 -6.93 -10.27 -26.35
N ASP A 257 -7.32 -9.09 -25.90
CA ASP A 257 -6.99 -8.63 -24.57
C ASP A 257 -8.20 -8.68 -23.69
N GLY A 258 -9.36 -8.92 -24.29
CA GLY A 258 -10.61 -8.90 -23.58
C GLY A 258 -10.83 -7.57 -22.90
N TYR A 259 -10.24 -6.51 -23.42
CA TYR A 259 -10.30 -5.24 -22.78
C TYR A 259 -11.74 -4.81 -22.64
N LEU A 260 -12.51 -4.93 -23.72
CA LEU A 260 -13.87 -4.52 -23.72
C LEU A 260 -14.74 -5.50 -23.01
N LEU A 261 -14.36 -6.77 -22.96
CA LEU A 261 -15.09 -7.68 -22.10
C LEU A 261 -14.95 -7.19 -20.69
N GLY A 262 -13.76 -6.74 -20.35
CA GLY A 262 -13.47 -6.21 -19.05
C GLY A 262 -14.30 -4.99 -18.83
N LEU A 263 -14.34 -4.12 -19.82
CA LEU A 263 -14.93 -2.84 -19.64
C LEU A 263 -16.42 -3.08 -19.59
N ASP A 264 -16.91 -3.97 -20.43
CA ASP A 264 -18.30 -4.41 -20.38
C ASP A 264 -18.66 -4.89 -19.04
N ASN A 265 -17.80 -5.70 -18.44
CA ASN A 265 -18.13 -6.24 -17.16
C ASN A 265 -18.00 -5.21 -16.08
N LEU A 266 -16.98 -4.39 -16.17
CA LEU A 266 -16.78 -3.33 -15.23
C LEU A 266 -17.97 -2.40 -15.23
N ILE A 267 -18.42 -2.03 -16.41
CA ILE A 267 -19.59 -1.22 -16.54
C ILE A 267 -20.74 -1.95 -15.94
N GLY A 268 -20.85 -3.23 -16.25
CA GLY A 268 -21.91 -4.05 -15.71
C GLY A 268 -21.89 -4.05 -14.21
N ILE A 269 -20.70 -4.15 -13.63
CA ILE A 269 -20.56 -4.21 -12.19
C ILE A 269 -20.84 -2.90 -11.58
N LEU A 270 -20.33 -1.85 -12.19
CA LEU A 270 -20.66 -0.54 -11.71
C LEU A 270 -22.12 -0.25 -11.90
N ALA A 271 -22.68 -0.66 -13.02
CA ALA A 271 -24.08 -0.43 -13.23
C ALA A 271 -24.84 -1.24 -12.19
N SER A 272 -24.43 -2.46 -11.89
CA SER A 272 -25.16 -3.29 -10.93
C SER A 272 -25.03 -2.58 -9.61
N LEU A 273 -23.83 -2.10 -9.34
CA LEU A 273 -23.53 -1.46 -8.09
C LEU A 273 -24.36 -0.20 -7.91
N ALA A 274 -24.54 0.54 -9.00
CA ALA A 274 -25.29 1.78 -8.99
C ALA A 274 -26.72 1.49 -8.60
N GLU A 275 -27.21 0.31 -8.97
CA GLU A 275 -28.60 -0.08 -8.71
C GLU A 275 -28.80 -0.86 -7.41
N ARG A 276 -27.79 -0.87 -6.54
CA ARG A 276 -27.95 -1.54 -5.24
C ARG A 276 -28.48 -0.55 -4.20
N SER B 2 11.92 -3.71 2.17
CA SER B 2 12.25 -4.34 3.44
C SER B 2 11.60 -3.55 4.58
N TRP B 3 11.79 -3.98 5.82
CA TRP B 3 10.90 -3.56 6.92
C TRP B 3 10.85 -2.07 7.26
N VAL B 4 11.88 -1.31 6.91
CA VAL B 4 11.90 0.14 7.17
C VAL B 4 10.95 0.90 6.21
N GLN B 5 10.96 0.52 4.93
CA GLN B 5 9.96 1.00 3.96
C GLN B 5 8.54 0.70 4.44
N LEU B 6 8.33 -0.54 4.87
CA LEU B 6 7.05 -1.01 5.40
C LEU B 6 6.66 -0.34 6.72
N ALA B 7 7.66 0.11 7.49
CA ALA B 7 7.43 0.67 8.82
C ALA B 7 6.81 2.06 8.74
N SER B 12 15.16 7.06 4.05
CA SER B 12 14.87 6.30 5.27
C SER B 12 15.37 4.85 5.16
N PHE B 13 15.34 4.31 3.95
CA PHE B 13 15.46 2.88 3.73
C PHE B 13 16.59 2.55 2.75
N LYS B 14 17.79 2.32 3.27
CA LYS B 14 18.90 1.83 2.45
C LYS B 14 19.22 0.40 2.84
N ALA B 15 19.43 -0.47 1.86
CA ALA B 15 19.87 -1.83 2.15
C ALA B 15 21.35 -1.79 2.53
N ALA B 16 21.72 -2.59 3.53
CA ALA B 16 23.13 -2.75 3.88
C ALA B 16 23.70 -3.85 3.01
N GLY B 17 25.01 -3.79 2.76
CA GLY B 17 25.71 -4.82 2.04
C GLY B 17 26.01 -6.05 2.88
N THR B 18 25.65 -6.01 4.17
CA THR B 18 25.81 -7.16 5.05
C THR B 18 24.56 -8.04 5.03
N SER B 19 24.79 -9.35 5.11
CA SER B 19 23.71 -10.32 5.17
C SER B 19 22.95 -10.15 6.50
N GLY B 20 21.63 -10.04 6.40
CA GLY B 20 20.76 -9.95 7.55
C GLY B 20 20.64 -8.57 8.18
N LEU B 21 21.26 -7.55 7.57
CA LEU B 21 21.19 -6.19 8.08
C LEU B 21 20.44 -5.29 7.12
N ILE B 22 19.96 -4.19 7.66
CA ILE B 22 19.33 -3.15 6.88
C ILE B 22 19.80 -1.83 7.48
N LEU B 23 19.77 -0.78 6.69
CA LEU B 23 20.17 0.53 7.18
C LEU B 23 18.96 1.39 7.28
N LYS B 24 18.92 2.16 8.33
CA LYS B 24 17.84 3.06 8.57
C LYS B 24 18.46 4.40 8.87
N ARG B 25 17.97 5.46 8.24
CA ARG B 25 18.61 6.74 8.40
C ARG B 25 18.60 7.05 9.89
N CYS B 26 19.75 7.48 10.37
CA CYS B 26 19.99 7.68 11.77
C CYS B 26 19.41 8.99 12.26
N SER B 27 18.40 8.89 13.09
CA SER B 27 17.96 9.99 13.94
C SER B 27 18.56 9.71 15.31
N GLU B 28 19.02 10.76 15.99
CA GLU B 28 19.73 10.58 17.26
C GLU B 28 18.86 9.98 18.36
N PRO B 29 17.58 10.37 18.44
CA PRO B 29 16.67 9.71 19.37
C PRO B 29 16.70 8.20 19.15
N GLU B 30 16.57 7.77 17.91
CA GLU B 30 16.50 6.32 17.64
C GLU B 30 17.82 5.65 17.94
N ARG B 31 18.90 6.32 17.59
CA ARG B 31 20.19 5.78 17.83
C ARG B 31 20.35 5.60 19.32
N TYR B 32 19.91 6.60 20.06
CA TYR B 32 20.11 6.62 21.50
C TYR B 32 19.35 5.44 22.09
N CYS B 33 18.13 5.26 21.62
CA CYS B 33 17.28 4.17 22.06
C CYS B 33 17.87 2.86 21.74
N LEU B 34 18.25 2.68 20.50
CA LEU B 34 18.74 1.38 20.09
C LEU B 34 19.98 1.00 20.84
N ALA B 35 20.83 1.98 21.15
CA ALA B 35 22.05 1.73 21.91
C ALA B 35 21.70 1.32 23.32
N ARG B 36 20.73 2.00 23.90
CA ARG B 36 20.28 1.62 25.21
C ARG B 36 19.61 0.25 25.14
N LEU B 37 18.83 0.00 24.08
CA LEU B 37 18.05 -1.22 24.01
C LEU B 37 18.95 -2.42 23.88
N ALA B 39 21.52 -2.88 25.45
CA ALA B 39 22.05 -3.20 26.77
C ALA B 39 20.91 -3.43 27.72
N ASP B 40 19.73 -3.65 27.16
CA ASP B 40 18.55 -3.76 27.95
C ASP B 40 17.95 -5.16 27.86
N ALA B 41 17.07 -5.48 28.79
CA ALA B 41 16.20 -6.64 28.67
C ALA B 41 15.61 -6.75 27.30
N LEU B 42 15.28 -5.63 26.67
CA LEU B 42 14.61 -5.63 25.40
C LEU B 42 15.47 -5.93 24.25
N ARG B 43 16.74 -6.21 24.48
CA ARG B 43 17.65 -6.39 23.41
C ARG B 43 17.11 -7.36 22.41
N GLY B 44 16.56 -8.48 22.85
CA GLY B 44 16.06 -9.46 21.90
C GLY B 44 14.70 -9.13 21.28
N CYS B 45 14.06 -8.10 21.77
CA CYS B 45 12.74 -7.78 21.31
C CYS B 45 12.81 -6.71 20.28
N VAL B 46 13.98 -6.21 20.00
CA VAL B 46 14.13 -5.16 19.01
C VAL B 46 15.09 -5.62 18.02
N PRO B 47 15.15 -4.97 16.86
CA PRO B 47 16.15 -5.35 15.90
C PRO B 47 17.51 -5.07 16.49
N ALA B 48 18.42 -5.99 16.28
CA ALA B 48 19.77 -5.80 16.74
C ALA B 48 20.28 -4.51 16.12
N PHE B 49 20.94 -3.73 16.93
CA PHE B 49 21.47 -2.48 16.50
C PHE B 49 22.95 -2.66 16.57
N HIS B 50 23.60 -2.48 15.44
CA HIS B 50 25.01 -2.76 15.39
C HIS B 50 25.86 -1.50 15.48
N GLY B 51 25.23 -0.34 15.35
CA GLY B 51 25.95 0.92 15.39
C GLY B 51 25.54 1.82 14.26
N VAL B 52 26.15 3.00 14.23
CA VAL B 52 25.87 3.98 13.20
C VAL B 52 26.97 3.82 12.18
N VAL B 53 26.61 3.75 10.91
CA VAL B 53 27.60 3.71 9.85
C VAL B 53 27.40 4.93 8.98
N GLU B 54 28.50 5.44 8.44
CA GLU B 54 28.42 6.46 7.42
C GLU B 54 28.25 5.73 6.09
N ARG B 55 27.21 6.10 5.36
CA ARG B 55 27.00 5.59 4.01
C ARG B 55 26.52 6.75 3.11
N ASP B 56 27.39 7.15 2.19
CA ASP B 56 27.10 8.21 1.22
C ASP B 56 26.84 9.56 1.89
N GLY B 57 27.60 9.87 2.92
CA GLY B 57 27.55 11.17 3.58
C GLY B 57 26.55 11.31 4.71
N GLU B 58 25.64 10.33 4.86
CA GLU B 58 24.61 10.40 5.90
C GLU B 58 24.80 9.27 6.90
N SER B 59 24.49 9.52 8.16
CA SER B 59 24.55 8.49 9.20
C SER B 59 23.33 7.58 9.13
N TYR B 60 23.57 6.30 9.30
CA TYR B 60 22.54 5.28 9.23
C TYR B 60 22.69 4.34 10.39
N LEU B 61 21.57 3.86 10.91
CA LEU B 61 21.58 2.81 11.90
C LEU B 61 21.73 1.50 11.17
N GLN B 62 22.68 0.69 11.60
CA GLN B 62 22.83 -0.65 11.09
C GLN B 62 21.95 -1.53 11.97
N LEU B 63 20.90 -2.03 11.38
CA LEU B 63 19.88 -2.78 12.10
C LEU B 63 19.80 -4.16 11.56
N GLN B 64 19.36 -5.07 12.41
CA GLN B 64 18.98 -6.36 11.97
C GLN B 64 17.88 -6.14 10.98
N ASP B 65 17.91 -6.94 9.94
CA ASP B 65 16.83 -6.97 9.00
C ASP B 65 15.89 -8.03 9.49
N LEU B 66 14.83 -7.57 10.11
CA LEU B 66 13.90 -8.45 10.77
C LEU B 66 13.25 -9.39 9.80
N LEU B 67 13.16 -8.96 8.54
CA LEU B 67 12.48 -9.75 7.51
C LEU B 67 13.33 -10.85 7.01
N ASP B 68 14.62 -10.78 7.30
CA ASP B 68 15.61 -11.57 6.62
C ASP B 68 15.35 -13.06 6.78
N GLY B 69 14.94 -13.50 7.96
CA GLY B 69 14.78 -14.93 8.21
C GLY B 69 13.46 -15.52 7.73
N PHE B 70 12.66 -14.68 7.13
CA PHE B 70 11.34 -15.08 6.73
C PHE B 70 11.33 -15.29 5.26
N ASP B 71 10.53 -16.23 4.84
CA ASP B 71 10.42 -16.61 3.46
C ASP B 71 9.13 -16.00 2.92
N GLY B 72 9.21 -14.79 2.37
CA GLY B 72 8.05 -14.06 1.88
C GLY B 72 7.25 -13.64 3.10
N PRO B 73 7.78 -12.68 3.86
CA PRO B 73 7.15 -12.34 5.13
C PRO B 73 5.85 -11.60 4.87
N CYS B 74 4.86 -11.92 5.67
CA CYS B 74 3.75 -11.06 5.88
C CYS B 74 4.16 -10.19 7.02
N VAL B 75 3.91 -8.92 6.89
CA VAL B 75 4.43 -7.98 7.86
C VAL B 75 3.30 -7.15 8.25
N LEU B 76 3.10 -7.01 9.53
CA LEU B 76 2.12 -6.12 9.97
C LEU B 76 2.80 -5.21 10.95
N ASP B 77 2.56 -3.94 10.74
CA ASP B 77 3.22 -2.89 11.45
C ASP B 77 2.11 -2.37 12.34
N CYS B 78 2.38 -2.46 13.63
CA CYS B 78 1.41 -2.13 14.58
C CYS B 78 2.00 -1.06 15.43
N LYS B 79 1.50 0.16 15.26
CA LYS B 79 2.02 1.30 15.94
C LYS B 79 1.49 1.24 17.34
N GLY B 81 0.94 2.42 21.17
CA GLY B 81 0.79 3.53 22.05
C GLY B 81 -0.54 4.13 21.80
N VAL B 82 -1.03 4.78 22.81
CA VAL B 82 -2.29 5.47 22.73
C VAL B 82 -2.03 6.79 22.06
N ARG B 83 -0.78 7.19 22.10
CA ARG B 83 -0.37 8.47 21.60
C ARG B 83 0.69 8.23 20.58
N THR B 84 0.66 8.96 19.49
CA THR B 84 1.60 8.73 18.42
C THR B 84 2.44 9.96 18.13
N TYR B 85 2.42 10.92 19.03
CA TYR B 85 3.23 12.11 18.92
C TYR B 85 3.77 12.40 20.31
N LEU B 86 4.88 13.09 20.37
CA LEU B 86 5.43 13.53 21.64
C LEU B 86 4.63 14.69 22.20
N GLU B 87 4.63 14.81 23.51
CA GLU B 87 4.02 15.97 24.14
C GLU B 87 4.66 17.25 23.63
N GLU B 88 5.98 17.19 23.41
CA GLU B 88 6.73 18.29 22.82
C GLU B 88 6.07 18.70 21.51
N GLU B 89 5.79 17.72 20.65
CA GLU B 89 5.13 17.98 19.37
C GLU B 89 3.77 18.64 19.57
N LEU B 90 3.06 18.25 20.62
CA LEU B 90 1.80 18.89 21.00
C LEU B 90 2.05 20.35 21.42
N THR B 91 3.11 20.56 22.20
CA THR B 91 3.45 21.86 22.75
C THR B 91 3.92 22.85 21.70
N LYS B 92 4.77 22.40 20.78
CA LYS B 92 5.31 23.26 19.71
C LYS B 92 4.23 23.55 18.65
N ALA B 93 3.29 22.63 18.49
CA ALA B 93 2.14 22.84 17.62
C ALA B 93 1.25 23.96 18.14
N ARG B 94 1.23 24.16 19.45
CA ARG B 94 0.55 25.29 20.05
C ARG B 94 1.32 26.59 19.80
N GLU B 95 2.64 26.58 20.04
CA GLU B 95 3.48 27.77 19.99
C GLU B 95 3.67 28.30 18.56
N ARG B 96 4.61 27.70 17.82
CA ARG B 96 4.75 27.97 16.39
C ARG B 96 4.18 26.73 15.69
N PRO B 97 2.90 26.80 15.30
CA PRO B 97 2.27 25.68 14.59
C PRO B 97 2.87 25.48 13.19
N LYS B 98 3.34 24.27 12.90
CA LYS B 98 3.67 23.89 11.54
C LYS B 98 2.37 23.36 10.89
N LEU B 99 1.73 24.24 10.13
CA LEU B 99 0.38 23.98 9.60
C LEU B 99 0.44 23.08 8.37
N ARG B 100 -0.04 21.84 8.53
CA ARG B 100 0.09 20.82 7.47
C ARG B 100 -1.14 20.81 6.58
N LYS B 101 -0.95 21.18 5.32
CA LYS B 101 -2.02 21.20 4.35
C LYS B 101 -2.42 19.78 3.97
N ASP B 102 -1.43 18.93 3.72
CA ASP B 102 -1.65 17.53 3.31
C ASP B 102 -2.52 16.76 4.31
N TYR B 104 -4.68 18.02 6.66
CA TYR B 104 -6.03 18.55 6.73
C TYR B 104 -6.91 17.86 5.68
N LYS B 105 -6.42 17.83 4.43
CA LYS B 105 -7.19 17.26 3.33
C LYS B 105 -7.64 15.82 3.65
N LYS B 106 -6.74 15.03 4.23
CA LYS B 106 -7.05 13.66 4.62
C LYS B 106 -8.22 13.64 5.59
N LEU B 108 -10.88 15.47 6.01
CA LEU B 108 -12.25 15.69 5.51
C LEU B 108 -12.86 14.51 4.77
N ALA B 109 -12.04 13.72 4.07
CA ALA B 109 -12.54 12.61 3.25
C ALA B 109 -12.65 11.32 4.07
N VAL B 110 -12.25 11.39 5.33
CA VAL B 110 -12.60 10.39 6.32
C VAL B 110 -13.87 10.89 7.04
N ASP B 111 -13.80 12.12 7.51
CA ASP B 111 -14.94 12.77 8.16
C ASP B 111 -14.81 14.29 7.98
N PRO B 112 -15.70 14.90 7.18
CA PRO B 112 -15.65 16.35 6.94
C PRO B 112 -16.13 17.26 8.09
N GLU B 113 -16.54 16.70 9.23
CA GLU B 113 -16.86 17.50 10.44
C GLU B 113 -15.80 17.35 11.53
N ALA B 114 -14.92 16.36 11.36
CA ALA B 114 -13.86 16.02 12.31
C ALA B 114 -12.98 17.18 12.79
N PRO B 115 -12.53 18.05 11.88
CA PRO B 115 -11.74 19.20 12.30
C PRO B 115 -12.60 20.30 12.92
N THR B 116 -12.00 21.05 13.82
CA THR B 116 -12.56 22.32 14.27
C THR B 116 -12.86 23.16 13.04
N GLU B 117 -13.88 24.02 13.11
CA GLU B 117 -14.22 24.89 11.97
C GLU B 117 -13.12 25.96 11.74
N GLU B 118 -12.13 25.97 12.64
CA GLU B 118 -10.95 26.86 12.55
C GLU B 118 -9.76 26.23 11.79
N GLU B 119 -9.82 24.91 11.59
CA GLU B 119 -8.88 24.19 10.71
C GLU B 119 -9.46 24.05 9.29
N HIS B 120 -10.77 23.90 9.18
CA HIS B 120 -11.48 23.90 7.89
C HIS B 120 -11.08 25.14 7.15
N ALA B 121 -11.28 26.23 7.89
CA ALA B 121 -10.63 27.51 7.71
C ALA B 121 -9.23 27.47 7.06
N GLN B 122 -8.19 27.20 7.85
CA GLN B 122 -6.79 27.27 7.39
C GLN B 122 -6.42 26.20 6.34
N ARG B 123 -7.36 25.28 6.08
CA ARG B 123 -7.12 24.09 5.26
C ARG B 123 -5.82 23.38 5.68
N ALA B 124 -5.50 23.44 6.96
CA ALA B 124 -4.25 22.88 7.48
C ALA B 124 -4.35 22.60 8.97
N VAL B 125 -3.88 21.40 9.35
CA VAL B 125 -3.93 20.92 10.72
C VAL B 125 -2.52 20.70 11.26
N THR B 126 -2.30 21.10 12.51
CA THR B 126 -1.06 20.73 13.20
C THR B 126 -0.87 19.22 13.08
N LYS B 127 0.38 18.79 12.98
CA LYS B 127 0.68 17.36 12.87
C LYS B 127 0.17 16.63 14.12
N PRO B 128 0.39 17.18 15.31
CA PRO B 128 -0.25 16.69 16.53
C PRO B 128 -1.75 16.52 16.49
N ARG B 129 -2.48 17.48 15.92
CA ARG B 129 -3.95 17.39 15.86
C ARG B 129 -4.37 16.29 14.91
N TYR B 130 -3.65 16.19 13.80
CA TYR B 130 -3.91 15.15 12.84
C TYR B 130 -3.65 13.78 13.48
N GLN B 132 -3.69 13.12 16.62
CA GLN B 132 -4.71 12.99 17.63
C GLN B 132 -5.99 12.45 17.02
N TRP B 133 -6.30 12.92 15.81
CA TRP B 133 -7.50 12.52 15.09
C TRP B 133 -7.29 11.09 14.66
N ARG B 134 -6.14 10.84 14.07
CA ARG B 134 -5.77 9.51 13.60
C ARG B 134 -5.88 8.55 14.74
N GLU B 135 -5.48 9.01 15.92
CA GLU B 135 -5.41 8.11 17.05
C GLU B 135 -6.79 7.66 17.38
N GLY B 136 -7.72 8.59 17.30
CA GLY B 136 -9.08 8.31 17.68
C GLY B 136 -9.85 7.55 16.64
N ILE B 137 -9.52 7.73 15.36
CA ILE B 137 -10.26 7.00 14.34
C ILE B 137 -9.78 5.58 14.14
N SER B 138 -8.55 5.35 14.58
CA SER B 138 -8.00 4.03 14.61
C SER B 138 -8.15 3.54 16.03
N SER B 139 -7.50 2.43 16.29
CA SER B 139 -7.54 1.79 17.58
C SER B 139 -6.54 2.38 18.55
N SER B 140 -5.75 3.36 18.16
CA SER B 140 -4.68 3.84 19.02
C SER B 140 -5.18 4.32 20.35
N THR B 141 -6.11 5.27 20.32
CA THR B 141 -6.56 5.88 21.54
C THR B 141 -7.15 4.82 22.48
N THR B 142 -7.91 3.91 21.93
CA THR B 142 -8.68 3.00 22.77
C THR B 142 -7.96 1.70 23.07
N LEU B 143 -7.18 1.24 22.12
CA LEU B 143 -6.53 -0.05 22.28
C LEU B 143 -5.09 0.12 22.56
N GLY B 144 -4.54 1.27 22.25
CA GLY B 144 -3.15 1.54 22.54
C GLY B 144 -2.26 0.99 21.50
N PHE B 145 -2.84 0.67 20.37
CA PHE B 145 -2.05 0.35 19.21
C PHE B 145 -2.92 0.57 18.00
N ARG B 146 -2.30 0.71 16.86
CA ARG B 146 -3.05 0.57 15.69
C ARG B 146 -2.22 -0.06 14.63
N ILE B 147 -2.91 -0.75 13.77
CA ILE B 147 -2.34 -1.37 12.63
C ILE B 147 -2.06 -0.31 11.64
N GLU B 148 -0.82 -0.20 11.24
CA GLU B 148 -0.43 0.86 10.33
C GLU B 148 -0.47 0.31 8.95
N GLY B 149 -0.07 -0.93 8.82
CA GLY B 149 -0.03 -1.50 7.51
C GLY B 149 0.35 -2.93 7.54
N ILE B 150 0.07 -3.53 6.41
CA ILE B 150 0.30 -4.89 6.25
C ILE B 150 0.90 -5.03 4.91
N LYS B 151 1.95 -5.80 4.87
CA LYS B 151 2.49 -6.25 3.64
C LYS B 151 2.23 -7.73 3.62
N LYS B 152 1.59 -8.24 2.59
CA LYS B 152 1.30 -9.66 2.54
C LYS B 152 2.39 -10.35 1.79
N ALA B 153 2.47 -11.66 1.98
CA ALA B 153 3.42 -12.47 1.28
C ALA B 153 3.09 -12.41 -0.20
N ASP B 154 1.83 -12.20 -0.53
CA ASP B 154 1.45 -12.08 -1.95
C ASP B 154 1.86 -10.76 -2.59
N GLY B 155 2.46 -9.87 -1.83
CA GLY B 155 3.09 -8.66 -2.35
C GLY B 155 2.21 -7.46 -2.14
N SER B 156 0.99 -7.74 -1.70
CA SER B 156 0.01 -6.74 -1.44
C SER B 156 0.49 -5.97 -0.24
N CYS B 157 0.20 -4.69 -0.32
CA CYS B 157 0.54 -3.71 0.68
C CYS B 157 -0.78 -3.07 1.03
N SER B 158 -1.01 -2.79 2.31
CA SER B 158 -2.12 -2.04 2.65
C SER B 158 -1.83 -1.23 3.85
N THR B 159 -2.19 0.04 3.75
CA THR B 159 -2.19 0.89 4.92
C THR B 159 -3.59 1.30 5.21
N ASP B 160 -4.55 0.52 4.71
CA ASP B 160 -5.96 0.87 4.73
C ASP B 160 -6.52 0.38 6.04
N PHE B 161 -6.06 1.02 7.08
CA PHE B 161 -6.47 0.67 8.42
C PHE B 161 -6.65 1.94 9.21
N LYS B 162 -6.81 3.02 8.50
CA LYS B 162 -6.87 4.28 9.19
C LYS B 162 -8.07 4.33 10.11
N THR B 163 -9.10 3.56 9.80
CA THR B 163 -10.28 3.50 10.66
C THR B 163 -10.51 2.12 11.25
N THR B 164 -9.45 1.34 11.37
CA THR B 164 -9.56 0.06 11.97
C THR B 164 -9.46 0.38 13.42
N ARG B 165 -10.55 0.23 14.11
CA ARG B 165 -10.56 0.77 15.43
C ARG B 165 -11.02 -0.20 16.46
N SER B 166 -12.05 -0.96 16.15
CA SER B 166 -12.65 -1.77 17.14
C SER B 166 -11.76 -2.97 17.33
N ARG B 167 -11.87 -3.58 18.48
CA ARG B 167 -11.17 -4.80 18.73
C ARG B 167 -11.46 -5.82 17.68
N GLU B 168 -12.72 -5.96 17.30
CA GLU B 168 -13.06 -7.01 16.35
C GLU B 168 -12.54 -6.62 14.96
N GLN B 169 -12.50 -5.34 14.62
CA GLN B 169 -11.89 -4.92 13.36
C GLN B 169 -10.44 -5.28 13.35
N VAL B 170 -9.80 -5.03 14.48
CA VAL B 170 -8.39 -5.27 14.58
C VAL B 170 -8.19 -6.78 14.53
N LEU B 171 -9.06 -7.52 15.20
CA LEU B 171 -8.94 -8.96 15.27
C LEU B 171 -9.09 -9.45 13.85
N ARG B 172 -10.05 -8.88 13.12
CA ARG B 172 -10.31 -9.33 11.78
C ARG B 172 -9.13 -9.05 10.89
N VAL B 173 -8.46 -7.94 11.15
CA VAL B 173 -7.25 -7.60 10.42
C VAL B 173 -6.19 -8.64 10.73
N PHE B 174 -6.07 -9.02 11.99
CA PHE B 174 -5.08 -10.00 12.36
C PHE B 174 -5.47 -11.35 11.83
N GLU B 175 -6.75 -11.66 11.84
CA GLU B 175 -7.25 -12.90 11.35
C GLU B 175 -6.93 -13.02 9.87
N GLU B 176 -7.15 -11.95 9.11
CA GLU B 176 -6.82 -12.00 7.67
C GLU B 176 -5.31 -12.14 7.57
N PHE B 177 -4.59 -11.42 8.41
CA PHE B 177 -3.17 -11.35 8.34
C PHE B 177 -2.55 -12.70 8.57
N VAL B 178 -3.06 -13.43 9.56
CA VAL B 178 -2.45 -14.71 9.84
C VAL B 178 -3.03 -15.82 8.97
N GLN B 179 -4.20 -15.59 8.37
CA GLN B 179 -4.76 -16.48 7.36
C GLN B 179 -4.93 -17.91 7.85
N GLY B 180 -5.45 -18.05 9.05
CA GLY B 180 -5.75 -19.37 9.59
C GLY B 180 -4.53 -20.13 10.07
N ASP B 181 -3.37 -19.48 10.04
CA ASP B 181 -2.15 -20.17 10.43
C ASP B 181 -2.07 -20.17 11.94
N GLU B 182 -2.50 -21.27 12.51
CA GLU B 182 -2.60 -21.40 13.96
C GLU B 182 -1.22 -21.34 14.61
N GLU B 183 -0.23 -21.95 14.00
CA GLU B 183 1.09 -21.93 14.56
C GLU B 183 1.62 -20.51 14.57
N VAL B 184 1.42 -19.79 13.49
CA VAL B 184 1.91 -18.42 13.43
C VAL B 184 1.30 -17.58 14.52
N LEU B 185 0.01 -17.70 14.66
CA LEU B 185 -0.68 -16.95 15.66
C LEU B 185 -0.19 -17.38 17.05
N ARG B 186 0.00 -18.67 17.27
CA ARG B 186 0.48 -19.16 18.53
C ARG B 186 1.83 -18.55 18.77
N ARG B 187 2.65 -18.55 17.75
CA ARG B 187 3.98 -18.02 17.92
C ARG B 187 3.98 -16.54 18.15
N TYR B 188 3.09 -15.85 17.48
CA TYR B 188 2.96 -14.44 17.71
C TYR B 188 2.60 -14.19 19.14
N LEU B 189 1.67 -14.97 19.62
CA LEU B 189 1.19 -14.78 20.93
C LEU B 189 2.28 -15.07 21.92
N ASN B 190 3.00 -16.14 21.69
CA ASN B 190 4.07 -16.46 22.58
C ASN B 190 5.09 -15.36 22.61
N ARG B 191 5.36 -14.76 21.47
CA ARG B 191 6.37 -13.74 21.40
C ARG B 191 5.84 -12.52 22.08
N LEU B 192 4.59 -12.16 21.84
CA LEU B 192 4.07 -10.98 22.46
C LEU B 192 4.12 -11.13 23.96
N GLN B 193 3.79 -12.31 24.41
CA GLN B 193 3.78 -12.58 25.84
C GLN B 193 5.17 -12.39 26.41
N GLN B 194 6.12 -12.91 25.70
CA GLN B 194 7.48 -12.75 26.10
C GLN B 194 7.93 -11.32 26.01
N ILE B 195 7.54 -10.60 24.97
CA ILE B 195 7.90 -9.22 24.85
C ILE B 195 7.33 -8.45 26.01
N ARG B 196 6.08 -8.72 26.34
CA ARG B 196 5.48 -8.02 27.41
C ARG B 196 6.24 -8.28 28.69
N ASP B 197 6.60 -9.51 28.97
CA ASP B 197 7.37 -9.81 30.18
C ASP B 197 8.65 -9.03 30.17
N THR B 198 9.26 -8.93 29.01
CA THR B 198 10.51 -8.20 28.90
C THR B 198 10.36 -6.73 29.10
N LEU B 199 9.34 -6.19 28.48
CA LEU B 199 9.00 -4.81 28.67
C LEU B 199 8.81 -4.49 30.11
N GLU B 200 8.13 -5.37 30.80
CA GLU B 200 7.77 -5.12 32.16
C GLU B 200 8.94 -5.10 33.08
N VAL B 201 10.04 -5.70 32.68
CA VAL B 201 11.23 -5.65 33.51
C VAL B 201 12.29 -4.72 32.95
N SER B 202 12.07 -4.24 31.74
CA SER B 202 13.06 -3.50 31.02
C SER B 202 13.33 -2.14 31.71
N GLU B 203 14.58 -1.92 32.09
CA GLU B 203 15.01 -0.63 32.64
C GLU B 203 14.84 0.48 31.64
N PHE B 204 15.09 0.19 30.38
CA PHE B 204 14.93 1.17 29.35
C PHE B 204 13.46 1.51 29.28
N PHE B 205 12.64 0.48 29.22
CA PHE B 205 11.27 0.72 28.94
C PHE B 205 10.70 1.60 30.01
N ARG B 206 11.05 1.31 31.23
CA ARG B 206 10.45 2.01 32.33
C ARG B 206 10.86 3.47 32.37
N ARG B 207 11.99 3.81 31.76
CA ARG B 207 12.58 5.13 31.87
C ARG B 207 12.39 5.90 30.56
N HIS B 208 11.69 5.31 29.60
CA HIS B 208 11.46 5.97 28.34
C HIS B 208 10.05 6.05 27.96
N GLU B 209 9.76 7.15 27.27
CA GLU B 209 8.49 7.40 26.66
C GLU B 209 8.57 6.85 25.26
N VAL B 210 7.71 5.88 24.96
CA VAL B 210 7.90 5.07 23.80
C VAL B 210 6.78 5.42 22.88
N ILE B 211 7.03 6.44 22.07
CA ILE B 211 6.04 6.96 21.17
C ILE B 211 6.47 6.71 19.76
N GLY B 212 5.53 6.30 18.92
CA GLY B 212 5.75 6.24 17.49
C GLY B 212 6.40 4.94 17.11
N SER B 213 6.55 4.05 18.10
CA SER B 213 7.17 2.80 17.84
C SER B 213 6.10 1.82 17.43
N SER B 214 6.55 0.73 16.85
CA SER B 214 5.67 -0.27 16.38
C SER B 214 6.12 -1.61 16.90
N LEU B 215 5.20 -2.53 16.90
CA LEU B 215 5.52 -3.90 16.90
C LEU B 215 5.35 -4.37 15.50
N LEU B 216 6.37 -4.99 15.02
CA LEU B 216 6.40 -5.45 13.67
C LEU B 216 6.24 -6.94 13.78
N PHE B 217 5.14 -7.40 13.25
CA PHE B 217 4.79 -8.78 13.19
C PHE B 217 5.20 -9.26 11.89
N VAL B 218 5.89 -10.36 11.89
CA VAL B 218 6.34 -10.88 10.66
C VAL B 218 6.11 -12.31 10.72
N HIS B 219 5.53 -12.86 9.67
CA HIS B 219 5.48 -14.27 9.64
C HIS B 219 5.56 -14.72 8.23
N ASP B 220 5.63 -16.01 8.07
CA ASP B 220 5.67 -16.53 6.72
C ASP B 220 4.92 -17.81 6.63
N HIS B 221 4.88 -18.36 5.44
CA HIS B 221 4.07 -19.52 5.17
C HIS B 221 4.70 -20.75 5.78
N CYS B 222 5.97 -20.66 6.19
CA CYS B 222 6.60 -21.75 6.93
C CYS B 222 6.27 -21.69 8.38
N HIS B 223 5.45 -20.73 8.74
CA HIS B 223 4.97 -20.55 10.08
C HIS B 223 5.97 -19.86 10.98
N ARG B 224 7.04 -19.33 10.43
CA ARG B 224 7.96 -18.55 11.24
C ARG B 224 7.17 -17.34 11.67
N ALA B 225 7.38 -16.87 12.87
CA ALA B 225 6.64 -15.73 13.28
C ALA B 225 7.51 -15.03 14.24
N GLY B 226 7.61 -13.74 14.05
CA GLY B 226 8.36 -12.96 15.01
C GLY B 226 7.66 -11.66 15.18
N VAL B 227 8.04 -11.01 16.26
CA VAL B 227 7.56 -9.71 16.54
C VAL B 227 8.69 -8.97 17.15
N TRP B 228 8.87 -7.76 16.71
CA TRP B 228 9.87 -6.88 17.29
C TRP B 228 9.34 -5.51 17.47
N LEU B 229 9.90 -4.85 18.46
CA LEU B 229 9.69 -3.44 18.63
C LEU B 229 10.59 -2.73 17.68
N ILE B 230 10.03 -1.80 16.92
CA ILE B 230 10.85 -1.00 16.03
C ILE B 230 10.48 0.44 16.18
N ASP B 231 11.31 1.29 15.57
CA ASP B 231 10.97 2.67 15.33
C ASP B 231 11.00 3.47 16.63
N PHE B 232 12.19 3.85 17.06
CA PHE B 232 12.40 4.51 18.32
C PHE B 232 12.72 5.98 18.11
N GLY B 233 12.35 6.50 16.94
CA GLY B 233 12.57 7.89 16.56
C GLY B 233 11.90 8.89 17.47
N LYS B 234 10.84 8.47 18.17
CA LYS B 234 10.14 9.37 19.10
C LYS B 234 10.09 8.76 20.49
N THR B 235 11.03 7.87 20.75
CA THR B 235 11.21 7.33 22.08
C THR B 235 12.25 8.15 22.77
N THR B 236 11.88 8.73 23.89
CA THR B 236 12.79 9.60 24.61
C THR B 236 12.80 9.29 26.06
N PRO B 237 13.93 9.58 26.70
CA PRO B 237 14.06 9.35 28.12
C PRO B 237 13.20 10.33 28.89
N LEU B 238 12.75 9.86 30.03
CA LEU B 238 12.07 10.70 30.97
C LEU B 238 13.15 11.38 31.80
N PRO B 239 12.83 12.53 32.38
CA PRO B 239 13.74 13.15 33.34
C PRO B 239 14.25 12.12 34.31
N ASP B 240 15.46 12.34 34.84
CA ASP B 240 16.08 11.42 35.76
C ASP B 240 15.14 11.03 36.88
N GLY B 241 15.19 9.75 37.24
CA GLY B 241 14.34 9.21 38.27
C GLY B 241 13.01 8.71 37.71
N GLN B 242 12.42 9.47 36.79
CA GLN B 242 11.03 9.21 36.38
C GLN B 242 10.88 7.96 35.56
N ILE B 243 9.77 7.27 35.82
CA ILE B 243 9.42 6.10 35.04
C ILE B 243 8.00 6.25 34.55
N LEU B 244 7.66 5.48 33.55
CA LEU B 244 6.30 5.36 33.09
C LEU B 244 5.89 3.96 33.41
N ASP B 245 4.60 3.75 33.61
CA ASP B 245 4.15 2.39 33.75
C ASP B 245 3.63 1.83 32.45
N HIS B 246 3.40 2.71 31.47
CA HIS B 246 3.03 2.36 30.12
C HIS B 246 1.68 1.74 29.97
N ARG B 247 0.91 1.80 31.03
CA ARG B 247 -0.41 1.31 30.98
C ARG B 247 -1.37 2.39 31.26
N ARG B 248 -0.98 3.33 32.10
CA ARG B 248 -1.94 4.31 32.50
C ARG B 248 -2.22 5.28 31.38
N PRO B 249 -3.36 5.94 31.44
CA PRO B 249 -3.74 6.84 30.38
C PRO B 249 -2.74 7.96 30.23
N TRP B 250 -2.53 8.32 29.01
CA TRP B 250 -1.75 9.49 28.76
C TRP B 250 -2.56 10.68 29.21
N GLU B 251 -1.89 11.56 29.93
CA GLU B 251 -2.43 12.84 30.32
C GLU B 251 -1.30 13.80 30.06
N GLU B 252 -1.54 14.79 29.23
CA GLU B 252 -0.46 15.72 28.88
C GLU B 252 0.33 16.09 30.12
N GLY B 253 1.62 15.86 30.06
CA GLY B 253 2.49 16.03 31.19
C GLY B 253 3.08 14.76 31.73
N ASN B 254 2.33 13.65 31.69
CA ASN B 254 2.84 12.43 32.27
C ASN B 254 3.61 11.62 31.29
N ARG B 255 3.58 12.00 30.02
CA ARG B 255 4.36 11.31 29.03
C ARG B 255 4.07 9.80 28.93
N GLU B 256 2.93 9.39 29.43
CA GLU B 256 2.54 8.00 29.36
C GLU B 256 2.17 7.71 27.94
N ASP B 257 2.54 6.54 27.51
CA ASP B 257 2.32 6.24 26.12
C ASP B 257 1.37 5.11 25.87
N GLY B 258 0.88 4.48 26.91
CA GLY B 258 -0.09 3.42 26.75
C GLY B 258 0.47 2.22 26.02
N TYR B 259 1.77 2.11 26.00
CA TYR B 259 2.40 1.07 25.27
C TYR B 259 1.92 -0.31 25.71
N LEU B 260 1.99 -0.55 27.01
CA LEU B 260 1.65 -1.84 27.51
C LEU B 260 0.17 -2.07 27.46
N LEU B 261 -0.62 -1.03 27.52
CA LEU B 261 -2.03 -1.19 27.27
C LEU B 261 -2.22 -1.75 25.89
N GLY B 262 -1.50 -1.19 24.95
CA GLY B 262 -1.54 -1.62 23.58
C GLY B 262 -1.19 -3.07 23.49
N LEU B 263 -0.07 -3.38 24.11
CA LEU B 263 0.41 -4.71 24.04
C LEU B 263 -0.53 -5.66 24.69
N ASP B 264 -1.03 -5.32 25.87
CA ASP B 264 -2.05 -6.15 26.48
C ASP B 264 -3.21 -6.44 25.53
N ASN B 265 -3.69 -5.41 24.85
CA ASN B 265 -4.84 -5.58 24.00
C ASN B 265 -4.50 -6.38 22.83
N LEU B 266 -3.31 -6.17 22.33
CA LEU B 266 -2.88 -6.91 21.18
C LEU B 266 -2.76 -8.39 21.51
N ILE B 267 -2.21 -8.70 22.66
CA ILE B 267 -2.12 -10.05 23.14
C ILE B 267 -3.53 -10.60 23.30
N GLY B 268 -4.41 -9.81 23.87
CA GLY B 268 -5.75 -10.26 24.13
C GLY B 268 -6.42 -10.55 22.80
N ILE B 269 -6.17 -9.72 21.81
CA ILE B 269 -6.84 -9.88 20.53
C ILE B 269 -6.37 -11.13 19.84
N LEU B 270 -5.08 -11.35 19.87
CA LEU B 270 -4.50 -12.49 19.26
C LEU B 270 -4.92 -13.74 19.99
N ALA B 271 -4.97 -13.68 21.32
CA ALA B 271 -5.39 -14.84 22.10
C ALA B 271 -6.83 -15.18 21.75
N SER B 272 -7.68 -14.17 21.53
CA SER B 272 -9.09 -14.39 21.22
C SER B 272 -9.11 -15.03 19.87
N LEU B 273 -8.31 -14.47 19.00
CA LEU B 273 -8.23 -14.95 17.64
C LEU B 273 -7.85 -16.40 17.64
N ALA B 274 -6.89 -16.76 18.49
CA ALA B 274 -6.37 -18.11 18.60
C ALA B 274 -7.41 -19.12 19.06
N GLU B 275 -8.33 -18.70 19.90
CA GLU B 275 -9.36 -19.59 20.42
C GLU B 275 -10.54 -19.87 19.49
N ARG B 276 -10.85 -18.98 18.54
CA ARG B 276 -12.07 -19.11 17.74
C ARG B 276 -12.71 -20.51 17.78
#